data_1E1M
#
_entry.id   1E1M
#
_cell.length_a   61.500
_cell.length_b   62.500
_cell.length_c   78.600
_cell.angle_alpha   90.00
_cell.angle_beta   106.70
_cell.angle_gamma   90.00
#
_symmetry.space_group_name_H-M   'P 1 21 1'
#
loop_
_entity.id
_entity.type
_entity.pdbx_description
1 polymer 'ADRENODOXIN REDUCTASE'
2 non-polymer 'FLAVIN-ADENINE DINUCLEOTIDE'
3 non-polymer 'NADP NICOTINAMIDE-ADENINE-DINUCLEOTIDE PHOSPHATE'
4 water water
#
_entity_poly.entity_id   1
_entity_poly.type   'polypeptide(L)'
_entity_poly.pdbx_seq_one_letter_code
;STQEQTPQICVVGSGPAGFYTAQHLLKHHSRAHVDIYEKQLVPFGLVRFGVAPDHPEVKNVINTFTQTARSDRCAFYGNV
EVGRDVTVQELQDAYHAVVLSYGAEDHQALDIPGEELPGVFSARAFVGWYNGLPENRELAPDLSCDTAVILGQGNVALDV
ARILLTPPDHLEKTDITEAALGALRQSRVKTVWIVGRRGPLQVAFTIKELREMIQLPGTRPMLDPADFLGLQDRIKEAAR
PRKRLMELLLRTATEKPGVEEAARRASASRAWGLRFFRSPQQVLPSPDGRRAAGIRLAVTRLEGIGEATRAVPTGDVEDL
PCGLVLSSIGYKSRPIDPSVPFDPKLGVVPNMEGRVVDVPGLYCSGWVKRGPTGVITTTMTDSFLTGQILLQDLKAGHLP
SGPRPGSAFIKALLDSRGVWPVSFSDWEKLDAEEVSRGQASGKPREKLLDPQEMLRLLGH
;
_entity_poly.pdbx_strand_id   A
#
loop_
_chem_comp.id
_chem_comp.type
_chem_comp.name
_chem_comp.formula
FAD non-polymer 'FLAVIN-ADENINE DINUCLEOTIDE' 'C27 H33 N9 O15 P2'
NAP non-polymer 'NADP NICOTINAMIDE-ADENINE-DINUCLEOTIDE PHOSPHATE' 'C21 H28 N7 O17 P3'
#
# COMPACT_ATOMS: atom_id res chain seq x y z
N THR A 6 -7.54 15.81 -31.97
CA THR A 6 -6.98 15.97 -30.59
C THR A 6 -7.74 15.08 -29.61
N PRO A 7 -7.23 13.86 -29.47
CA PRO A 7 -7.81 12.88 -28.60
C PRO A 7 -7.76 13.41 -27.14
N GLN A 8 -8.89 13.25 -26.45
CA GLN A 8 -9.01 13.67 -25.06
C GLN A 8 -9.19 12.41 -24.20
N ILE A 9 -8.22 12.19 -23.31
CA ILE A 9 -8.33 11.04 -22.44
C ILE A 9 -8.26 11.43 -20.96
N CYS A 10 -9.03 10.75 -20.13
CA CYS A 10 -8.93 11.06 -18.69
C CYS A 10 -8.55 9.78 -17.92
N VAL A 11 -7.86 10.07 -16.83
CA VAL A 11 -7.35 9.02 -15.92
C VAL A 11 -7.90 9.31 -14.53
N VAL A 12 -8.50 8.29 -13.88
CA VAL A 12 -9.07 8.49 -12.55
C VAL A 12 -8.15 7.83 -11.51
N GLY A 13 -7.38 8.66 -10.81
CA GLY A 13 -6.44 8.17 -9.77
C GLY A 13 -5.02 8.59 -10.18
N SER A 14 -4.23 9.19 -9.30
CA SER A 14 -2.90 9.68 -9.59
C SER A 14 -1.76 8.89 -8.93
N GLY A 15 -2.00 7.61 -8.72
CA GLY A 15 -1.01 6.67 -8.17
C GLY A 15 -0.18 6.16 -9.38
N PRO A 16 0.68 5.18 -9.17
CA PRO A 16 1.49 4.64 -10.23
C PRO A 16 0.69 4.17 -11.42
N ALA A 17 -0.49 3.59 -11.26
CA ALA A 17 -1.22 3.16 -12.48
C ALA A 17 -1.67 4.37 -13.31
N GLY A 18 -2.19 5.42 -12.68
CA GLY A 18 -2.65 6.60 -13.43
C GLY A 18 -1.50 7.27 -14.16
N PHE A 19 -0.35 7.43 -13.46
CA PHE A 19 0.77 8.11 -14.06
C PHE A 19 1.45 7.28 -15.13
N TYR A 20 1.57 5.97 -14.97
CA TYR A 20 2.22 5.18 -16.02
C TYR A 20 1.30 5.07 -17.24
N THR A 21 -0.02 4.97 -17.00
CA THR A 21 -0.96 4.95 -18.14
C THR A 21 -0.81 6.26 -18.93
N ALA A 22 -0.79 7.37 -18.22
CA ALA A 22 -0.61 8.68 -18.89
C ALA A 22 0.71 8.76 -19.62
N GLN A 23 1.79 8.34 -19.00
CA GLN A 23 3.13 8.38 -19.66
C GLN A 23 3.11 7.58 -20.94
N HIS A 24 2.49 6.41 -20.94
CA HIS A 24 2.47 5.58 -22.18
C HIS A 24 1.68 6.30 -23.28
N LEU A 25 0.51 6.83 -22.88
CA LEU A 25 -0.35 7.52 -23.85
C LEU A 25 0.34 8.72 -24.48
N LEU A 26 1.05 9.50 -23.68
CA LEU A 26 1.71 10.70 -24.21
C LEU A 26 2.94 10.39 -25.03
N LYS A 27 3.60 9.28 -24.70
CA LYS A 27 4.81 8.87 -25.42
C LYS A 27 4.46 8.27 -26.77
N HIS A 28 3.34 7.57 -26.86
CA HIS A 28 2.98 6.89 -28.09
C HIS A 28 1.96 7.59 -28.94
N HIS A 29 1.41 8.72 -28.51
CA HIS A 29 0.45 9.46 -29.34
C HIS A 29 0.85 10.94 -29.20
N SER A 30 1.32 11.53 -30.30
CA SER A 30 1.84 12.87 -30.23
C SER A 30 0.84 13.99 -30.05
N ARG A 31 -0.46 13.76 -30.18
CA ARG A 31 -1.44 14.81 -30.07
C ARG A 31 -2.36 14.68 -28.84
N ALA A 32 -2.58 13.47 -28.36
CA ALA A 32 -3.52 13.26 -27.26
C ALA A 32 -3.23 14.12 -26.04
N HIS A 33 -4.30 14.49 -25.34
CA HIS A 33 -4.21 15.24 -24.08
C HIS A 33 -4.69 14.27 -22.98
N VAL A 34 -4.01 14.28 -21.84
CA VAL A 34 -4.35 13.38 -20.73
C VAL A 34 -4.62 14.20 -19.48
N ASP A 35 -5.80 14.03 -18.88
CA ASP A 35 -6.11 14.77 -17.64
C ASP A 35 -6.16 13.72 -16.51
N ILE A 36 -5.48 14.02 -15.43
CA ILE A 36 -5.45 13.05 -14.30
C ILE A 36 -6.24 13.59 -13.11
N TYR A 37 -7.29 12.91 -12.71
CA TYR A 37 -8.12 13.32 -11.58
C TYR A 37 -7.75 12.57 -10.30
N GLU A 38 -7.80 13.26 -9.15
CA GLU A 38 -7.38 12.62 -7.90
C GLU A 38 -8.23 13.11 -6.72
N LYS A 39 -8.68 12.20 -5.90
CA LYS A 39 -9.53 12.53 -4.74
C LYS A 39 -8.80 13.23 -3.61
N GLN A 40 -7.57 12.82 -3.34
CA GLN A 40 -6.75 13.45 -2.29
C GLN A 40 -6.32 14.83 -2.79
N LEU A 41 -5.86 15.69 -1.84
CA LEU A 41 -5.38 17.01 -2.26
C LEU A 41 -4.04 16.92 -2.96
N VAL A 42 -3.31 15.80 -2.81
CA VAL A 42 -1.98 15.70 -3.41
C VAL A 42 -1.89 14.45 -4.29
N PRO A 43 -0.96 14.43 -5.21
CA PRO A 43 -0.76 13.29 -6.11
C PRO A 43 0.06 12.16 -5.56
N PHE A 44 0.19 11.09 -6.34
CA PHE A 44 1.10 9.98 -6.16
C PHE A 44 0.62 8.74 -5.40
N GLY A 45 -0.57 8.77 -4.84
CA GLY A 45 -1.14 7.60 -4.19
C GLY A 45 -0.23 6.86 -3.22
N LEU A 46 -0.13 5.53 -3.36
CA LEU A 46 0.65 4.75 -2.42
C LEU A 46 2.14 5.00 -2.49
N VAL A 47 2.61 5.70 -3.51
CA VAL A 47 4.09 5.98 -3.44
C VAL A 47 4.32 6.90 -2.22
N ARG A 48 3.42 7.87 -1.96
CA ARG A 48 3.60 8.77 -0.81
C ARG A 48 3.04 8.13 0.47
N PHE A 49 1.85 7.53 0.32
CA PHE A 49 1.17 7.04 1.56
C PHE A 49 1.36 5.60 1.93
N GLY A 50 1.96 4.75 1.11
CA GLY A 50 2.15 3.33 1.38
C GLY A 50 3.63 2.96 1.59
N VAL A 51 4.46 3.29 0.60
CA VAL A 51 5.89 2.98 0.68
C VAL A 51 6.49 3.53 1.97
N ALA A 52 7.30 2.75 2.69
CA ALA A 52 7.84 3.17 3.97
C ALA A 52 8.83 4.33 3.88
N PRO A 53 8.88 5.14 4.95
CA PRO A 53 9.76 6.29 5.03
C PRO A 53 11.23 5.90 4.93
N ASP A 54 11.53 4.67 5.37
CA ASP A 54 12.93 4.20 5.29
C ASP A 54 13.20 3.48 4.00
N HIS A 55 12.30 3.56 3.00
CA HIS A 55 12.53 3.02 1.66
C HIS A 55 12.44 4.18 0.64
N PRO A 56 13.12 5.27 0.91
CA PRO A 56 13.00 6.46 0.04
C PRO A 56 13.40 6.16 -1.39
N GLU A 57 14.26 5.12 -1.56
CA GLU A 57 14.71 4.73 -2.89
C GLU A 57 13.56 4.36 -3.81
N VAL A 58 12.56 3.69 -3.22
CA VAL A 58 11.38 3.21 -3.92
C VAL A 58 10.50 4.33 -4.38
N LYS A 59 10.59 5.50 -3.70
CA LYS A 59 9.75 6.61 -4.08
C LYS A 59 10.30 7.46 -5.21
N ASN A 60 11.50 7.15 -5.69
CA ASN A 60 12.09 7.96 -6.77
C ASN A 60 11.29 7.97 -8.03
N VAL A 61 10.30 7.08 -8.23
CA VAL A 61 9.49 7.16 -9.46
C VAL A 61 8.73 8.48 -9.50
N ILE A 62 8.59 9.16 -8.36
CA ILE A 62 7.95 10.49 -8.37
C ILE A 62 8.66 11.46 -9.31
N ASN A 63 9.97 11.36 -9.47
CA ASN A 63 10.62 12.32 -10.41
C ASN A 63 10.12 12.14 -11.83
N THR A 64 9.91 10.91 -12.30
CA THR A 64 9.38 10.78 -13.67
C THR A 64 7.91 11.14 -13.73
N PHE A 65 7.15 10.86 -12.67
CA PHE A 65 5.74 11.27 -12.67
C PHE A 65 5.67 12.80 -12.75
N THR A 66 6.57 13.47 -12.02
CA THR A 66 6.59 14.94 -12.04
C THR A 66 6.91 15.47 -13.43
N GLN A 67 7.84 14.83 -14.16
CA GLN A 67 8.13 15.33 -15.52
C GLN A 67 6.89 15.19 -16.40
N THR A 68 6.14 14.11 -16.21
CA THR A 68 4.92 13.92 -17.03
C THR A 68 3.90 14.99 -16.67
N ALA A 69 3.73 15.24 -15.37
CA ALA A 69 2.72 16.22 -14.97
C ALA A 69 3.13 17.64 -15.43
N ARG A 70 4.40 17.90 -15.62
CA ARG A 70 4.81 19.25 -16.05
C ARG A 70 4.71 19.45 -17.54
N SER A 71 4.40 18.39 -18.28
CA SER A 71 4.37 18.52 -19.75
C SER A 71 3.18 19.26 -20.28
N ASP A 72 3.28 19.79 -21.52
CA ASP A 72 2.20 20.59 -22.07
C ASP A 72 0.88 19.84 -22.29
N ARG A 73 0.92 18.55 -22.54
CA ARG A 73 -0.31 17.82 -22.81
C ARG A 73 -0.85 17.02 -21.63
N CYS A 74 -0.42 17.33 -20.40
CA CYS A 74 -0.93 16.64 -19.22
C CYS A 74 -1.41 17.69 -18.21
N ALA A 75 -2.46 17.39 -17.47
CA ALA A 75 -2.97 18.26 -16.44
C ALA A 75 -3.41 17.40 -15.25
N PHE A 76 -3.30 17.97 -14.04
CA PHE A 76 -3.71 17.27 -12.82
C PHE A 76 -4.87 18.03 -12.17
N TYR A 77 -5.83 17.30 -11.65
CA TYR A 77 -7.00 17.87 -10.98
C TYR A 77 -7.20 17.11 -9.66
N GLY A 78 -6.48 17.46 -8.61
CA GLY A 78 -6.62 16.92 -7.25
C GLY A 78 -7.86 17.55 -6.59
N ASN A 79 -8.23 17.03 -5.42
CA ASN A 79 -9.41 17.44 -4.69
C ASN A 79 -10.66 17.23 -5.56
N VAL A 80 -10.68 16.17 -6.37
CA VAL A 80 -11.88 15.86 -7.17
C VAL A 80 -12.21 14.36 -6.95
N GLU A 81 -13.30 14.09 -6.21
CA GLU A 81 -13.67 12.71 -5.95
C GLU A 81 -14.58 12.19 -7.08
N VAL A 82 -14.02 11.40 -7.97
CA VAL A 82 -14.83 10.84 -9.09
C VAL A 82 -15.87 9.92 -8.43
N GLY A 83 -17.10 10.02 -8.89
CA GLY A 83 -18.23 9.29 -8.32
C GLY A 83 -19.04 10.20 -7.39
N ARG A 84 -18.47 11.32 -6.95
CA ARG A 84 -19.09 12.29 -6.07
C ARG A 84 -19.15 13.68 -6.64
N ASP A 85 -18.00 14.31 -6.93
CA ASP A 85 -17.91 15.66 -7.46
C ASP A 85 -18.19 15.74 -8.96
N VAL A 86 -17.84 14.65 -9.64
CA VAL A 86 -18.06 14.49 -11.09
C VAL A 86 -18.40 13.04 -11.31
N THR A 87 -19.39 12.68 -12.15
CA THR A 87 -19.70 11.27 -12.31
C THR A 87 -18.90 10.65 -13.45
N VAL A 88 -18.83 9.33 -13.50
CA VAL A 88 -18.13 8.64 -14.58
C VAL A 88 -18.82 8.90 -15.92
N GLN A 89 -20.13 9.01 -15.94
CA GLN A 89 -20.86 9.29 -17.19
C GLN A 89 -20.55 10.70 -17.68
N GLU A 90 -20.37 11.67 -16.78
CA GLU A 90 -19.96 13.01 -17.23
C GLU A 90 -18.58 12.96 -17.87
N LEU A 91 -17.68 12.16 -17.26
CA LEU A 91 -16.36 11.97 -17.81
C LEU A 91 -16.49 11.25 -19.17
N GLN A 92 -17.30 10.23 -19.27
CA GLN A 92 -17.45 9.50 -20.53
C GLN A 92 -18.00 10.43 -21.62
N ASP A 93 -18.84 11.39 -21.19
CA ASP A 93 -19.37 12.26 -22.23
C ASP A 93 -18.39 13.33 -22.69
N ALA A 94 -17.38 13.63 -21.88
CA ALA A 94 -16.46 14.70 -22.19
C ALA A 94 -15.16 14.24 -22.86
N TYR A 95 -14.86 12.96 -22.67
CA TYR A 95 -13.56 12.47 -23.19
C TYR A 95 -13.73 11.33 -24.18
N HIS A 96 -12.76 11.06 -25.03
CA HIS A 96 -12.82 9.94 -25.97
C HIS A 96 -12.66 8.61 -25.22
N ALA A 97 -11.83 8.65 -24.19
CA ALA A 97 -11.62 7.46 -23.36
C ALA A 97 -11.43 7.89 -21.89
N VAL A 98 -11.79 7.00 -20.99
CA VAL A 98 -11.67 7.23 -19.54
C VAL A 98 -10.98 5.97 -18.93
N VAL A 99 -9.94 6.19 -18.14
CA VAL A 99 -9.26 5.00 -17.54
C VAL A 99 -9.40 5.00 -16.02
N LEU A 100 -9.99 3.98 -15.41
CA LEU A 100 -10.18 3.86 -13.99
C LEU A 100 -8.87 3.32 -13.39
N SER A 101 -8.21 4.10 -12.55
CA SER A 101 -6.91 3.63 -12.00
C SER A 101 -6.89 3.99 -10.51
N TYR A 102 -8.02 3.79 -9.83
CA TYR A 102 -8.18 4.28 -8.48
C TYR A 102 -7.80 3.38 -7.34
N GLY A 103 -7.01 2.32 -7.60
CA GLY A 103 -6.52 1.48 -6.52
C GLY A 103 -7.52 0.64 -5.76
N ALA A 104 -7.03 0.11 -4.62
CA ALA A 104 -7.87 -0.75 -3.75
C ALA A 104 -7.91 -0.09 -2.38
N GLU A 105 -8.89 0.77 -2.14
CA GLU A 105 -8.94 1.53 -0.90
C GLU A 105 -9.42 0.75 0.31
N ASP A 106 -10.12 -0.37 0.20
CA ASP A 106 -10.68 -1.11 1.31
C ASP A 106 -9.82 -2.18 1.94
N HIS A 107 -9.49 -2.08 3.24
CA HIS A 107 -8.70 -3.17 3.86
C HIS A 107 -9.54 -4.41 4.10
N GLN A 108 -9.02 -5.62 3.89
CA GLN A 108 -9.84 -6.83 4.18
C GLN A 108 -9.99 -6.99 5.67
N ALA A 109 -11.19 -7.16 6.26
CA ALA A 109 -11.25 -7.30 7.72
C ALA A 109 -10.98 -8.75 8.16
N LEU A 110 -10.56 -8.89 9.40
CA LEU A 110 -10.32 -10.19 10.01
C LEU A 110 -11.69 -10.88 10.19
N ASP A 111 -12.69 -10.08 10.53
CA ASP A 111 -14.04 -10.67 10.73
C ASP A 111 -13.98 -11.64 11.91
N ILE A 112 -13.38 -11.25 13.01
CA ILE A 112 -13.29 -12.06 14.21
C ILE A 112 -13.74 -11.27 15.43
N PRO A 113 -14.21 -11.94 16.48
CA PRO A 113 -14.65 -11.25 17.68
C PRO A 113 -13.50 -10.52 18.36
N GLY A 114 -13.72 -9.33 18.93
CA GLY A 114 -12.66 -8.61 19.58
C GLY A 114 -11.98 -7.61 18.65
N GLU A 115 -12.29 -7.67 17.35
CA GLU A 115 -11.64 -6.79 16.37
C GLU A 115 -11.87 -5.34 16.69
N GLU A 116 -12.91 -5.05 17.48
CA GLU A 116 -13.24 -3.70 17.86
C GLU A 116 -12.50 -3.13 19.04
N LEU A 117 -11.73 -3.93 19.78
CA LEU A 117 -11.04 -3.44 20.94
C LEU A 117 -9.95 -2.42 20.55
N PRO A 118 -9.80 -1.40 21.36
CA PRO A 118 -8.74 -0.39 21.18
C PRO A 118 -7.40 -1.11 21.21
N GLY A 119 -6.56 -0.85 20.18
CA GLY A 119 -5.28 -1.61 20.14
C GLY A 119 -5.26 -2.51 18.90
N VAL A 120 -6.36 -2.68 18.21
CA VAL A 120 -6.47 -3.45 16.98
C VAL A 120 -6.58 -2.47 15.80
N PHE A 121 -5.75 -2.68 14.78
CA PHE A 121 -5.81 -1.79 13.61
C PHE A 121 -5.43 -2.59 12.36
N SER A 122 -5.84 -2.08 11.18
CA SER A 122 -5.31 -2.68 9.98
C SER A 122 -3.85 -2.15 9.84
N ALA A 123 -3.02 -2.93 9.22
CA ALA A 123 -1.62 -2.49 8.97
C ALA A 123 -1.63 -1.26 8.08
N ARG A 124 -2.55 -1.23 7.08
CA ARG A 124 -2.53 -0.05 6.16
C ARG A 124 -2.91 1.20 6.93
N ALA A 125 -3.79 1.12 7.91
CA ALA A 125 -4.12 2.32 8.65
C ALA A 125 -2.89 2.82 9.46
N PHE A 126 -2.16 1.85 10.03
CA PHE A 126 -0.97 2.22 10.82
C PHE A 126 0.06 2.82 9.88
N VAL A 127 0.18 2.24 8.67
CA VAL A 127 1.13 2.80 7.67
C VAL A 127 0.68 4.21 7.26
N GLY A 128 -0.62 4.36 7.02
CA GLY A 128 -1.16 5.68 6.64
C GLY A 128 -0.87 6.74 7.72
N TRP A 129 -0.86 6.33 8.97
CA TRP A 129 -0.56 7.19 10.12
C TRP A 129 0.88 7.67 10.02
N TYR A 130 1.86 6.75 9.89
CA TYR A 130 3.25 7.22 9.79
C TYR A 130 3.59 7.87 8.47
N ASN A 131 2.83 7.66 7.41
CA ASN A 131 3.11 8.30 6.11
C ASN A 131 2.24 9.52 5.87
N GLY A 132 1.51 10.01 6.88
CA GLY A 132 0.82 11.27 6.69
C GLY A 132 -0.45 11.27 5.88
N LEU A 133 -1.11 10.12 5.70
CA LEU A 133 -2.40 10.20 4.96
C LEU A 133 -3.35 10.94 5.91
N PRO A 134 -3.98 12.01 5.48
CA PRO A 134 -4.74 12.84 6.38
C PRO A 134 -5.79 12.09 7.16
N GLU A 135 -6.49 11.15 6.51
CA GLU A 135 -7.54 10.44 7.22
C GLU A 135 -7.04 9.61 8.40
N ASN A 136 -5.74 9.29 8.45
CA ASN A 136 -5.23 8.50 9.58
C ASN A 136 -4.43 9.36 10.55
N ARG A 137 -4.46 10.69 10.44
CA ARG A 137 -3.63 11.51 11.31
C ARG A 137 -3.94 11.38 12.78
N GLU A 138 -5.18 11.05 13.15
CA GLU A 138 -5.53 10.92 14.56
C GLU A 138 -5.61 9.47 15.00
N LEU A 139 -4.96 8.56 14.27
CA LEU A 139 -5.02 7.15 14.66
C LEU A 139 -4.59 6.92 16.12
N ALA A 140 -3.61 7.65 16.58
CA ALA A 140 -3.10 7.57 17.96
C ALA A 140 -2.96 6.17 18.51
N PRO A 141 -2.16 5.32 17.89
CA PRO A 141 -1.95 3.97 18.39
C PRO A 141 -1.26 4.02 19.76
N ASP A 142 -1.70 3.20 20.71
CA ASP A 142 -1.11 3.18 22.06
C ASP A 142 0.11 2.28 22.07
N LEU A 143 1.31 2.85 22.07
CA LEU A 143 2.52 1.99 22.03
C LEU A 143 3.09 1.79 23.43
N SER A 144 2.24 1.83 24.45
CA SER A 144 2.68 1.65 25.84
C SER A 144 2.80 0.19 26.23
N CYS A 145 2.38 -0.73 25.36
CA CYS A 145 2.49 -2.15 25.61
C CYS A 145 3.86 -2.68 25.19
N ASP A 146 4.19 -3.90 25.66
CA ASP A 146 5.52 -4.37 25.26
C ASP A 146 5.57 -5.27 24.05
N THR A 147 4.42 -5.77 23.59
CA THR A 147 4.48 -6.73 22.45
C THR A 147 3.39 -6.42 21.44
N ALA A 148 3.74 -6.54 20.16
CA ALA A 148 2.80 -6.35 19.08
C ALA A 148 2.68 -7.64 18.27
N VAL A 149 1.50 -7.91 17.73
CA VAL A 149 1.30 -9.10 16.89
C VAL A 149 0.76 -8.62 15.54
N ILE A 150 1.39 -9.05 14.46
CA ILE A 150 0.90 -8.70 13.14
C ILE A 150 0.39 -9.98 12.47
N LEU A 151 -0.77 -9.97 11.84
CA LEU A 151 -1.29 -11.13 11.15
C LEU A 151 -1.03 -11.01 9.67
N GLY A 152 -0.40 -12.00 9.03
CA GLY A 152 -0.17 -11.97 7.57
C GLY A 152 1.36 -11.88 7.38
N GLN A 153 1.97 -12.66 6.56
CA GLN A 153 3.43 -12.60 6.40
C GLN A 153 3.82 -12.07 5.03
N GLY A 154 3.40 -10.85 4.73
CA GLY A 154 3.74 -10.19 3.46
C GLY A 154 4.68 -9.02 3.72
N ASN A 155 5.08 -8.32 2.63
CA ASN A 155 5.99 -7.18 2.82
C ASN A 155 5.40 -6.05 3.64
N VAL A 156 4.10 -5.87 3.58
CA VAL A 156 3.49 -4.81 4.43
C VAL A 156 3.73 -5.14 5.91
N ALA A 157 3.59 -6.41 6.26
CA ALA A 157 3.85 -6.81 7.67
C ALA A 157 5.26 -6.50 8.09
N LEU A 158 6.25 -6.77 7.20
CA LEU A 158 7.63 -6.47 7.56
C LEU A 158 7.82 -4.98 7.71
N ASP A 159 7.15 -4.17 6.89
CA ASP A 159 7.32 -2.72 7.02
C ASP A 159 6.85 -2.26 8.41
N VAL A 160 5.67 -2.71 8.78
CA VAL A 160 5.18 -2.26 10.12
C VAL A 160 6.07 -2.76 11.24
N ALA A 161 6.53 -4.00 11.17
CA ALA A 161 7.44 -4.50 12.23
C ALA A 161 8.74 -3.72 12.28
N ARG A 162 9.28 -3.42 11.08
CA ARG A 162 10.53 -2.68 10.96
C ARG A 162 10.41 -1.32 11.60
N ILE A 163 9.31 -0.60 11.29
CA ILE A 163 9.12 0.74 11.87
C ILE A 163 8.96 0.65 13.38
N LEU A 164 8.22 -0.34 13.88
CA LEU A 164 8.07 -0.45 15.34
C LEU A 164 9.38 -0.79 16.05
N LEU A 165 10.32 -1.47 15.40
CA LEU A 165 11.54 -1.88 16.12
C LEU A 165 12.79 -1.12 15.78
N THR A 166 12.80 -0.30 14.77
CA THR A 166 14.05 0.42 14.40
C THR A 166 14.40 1.40 15.51
N PRO A 167 15.68 1.53 15.89
CA PRO A 167 16.05 2.55 16.90
C PRO A 167 15.55 3.89 16.32
N PRO A 168 14.76 4.64 17.05
CA PRO A 168 14.15 5.85 16.53
C PRO A 168 15.15 6.81 15.95
N ASP A 169 16.40 6.84 16.51
CA ASP A 169 17.34 7.80 15.89
C ASP A 169 17.60 7.47 14.44
N HIS A 170 17.47 6.20 14.06
CA HIS A 170 17.74 5.84 12.66
C HIS A 170 16.62 6.26 11.71
N LEU A 171 15.52 6.77 12.24
CA LEU A 171 14.42 7.25 11.39
C LEU A 171 14.41 8.78 11.30
N GLU A 172 15.28 9.47 12.06
CA GLU A 172 15.33 10.90 12.14
C GLU A 172 15.46 11.68 10.83
N LYS A 173 16.17 11.11 9.86
CA LYS A 173 16.40 11.78 8.60
C LYS A 173 15.53 11.25 7.43
N THR A 174 14.49 10.50 7.79
CA THR A 174 13.52 10.03 6.79
C THR A 174 12.37 11.04 6.75
N ASP A 175 11.41 10.82 5.86
CA ASP A 175 10.25 11.76 5.82
C ASP A 175 9.08 11.30 6.67
N ILE A 176 9.34 10.43 7.65
CA ILE A 176 8.32 9.94 8.57
C ILE A 176 7.70 11.17 9.25
N THR A 177 6.40 11.11 9.58
CA THR A 177 5.85 12.35 10.22
C THR A 177 6.52 12.61 11.56
N GLU A 178 6.64 13.89 11.90
CA GLU A 178 7.24 14.22 13.21
C GLU A 178 6.36 13.68 14.30
N ALA A 179 5.03 13.66 14.09
CA ALA A 179 4.12 13.15 15.09
C ALA A 179 4.34 11.68 15.38
N ALA A 180 4.49 10.87 14.32
CA ALA A 180 4.71 9.43 14.54
C ALA A 180 6.09 9.17 15.10
N LEU A 181 7.12 9.89 14.70
CA LEU A 181 8.46 9.64 15.27
C LEU A 181 8.44 9.97 16.75
N GLY A 182 7.74 11.07 17.10
CA GLY A 182 7.56 11.42 18.51
C GLY A 182 6.95 10.26 19.31
N ALA A 183 5.89 9.65 18.79
CA ALA A 183 5.24 8.52 19.39
C ALA A 183 6.16 7.31 19.45
N LEU A 184 7.00 7.11 18.43
CA LEU A 184 7.93 5.99 18.42
C LEU A 184 9.03 6.17 19.47
N ARG A 185 9.45 7.40 19.71
CA ARG A 185 10.48 7.65 20.73
C ARG A 185 10.00 7.24 22.11
N GLN A 186 8.71 7.31 22.37
CA GLN A 186 8.15 6.93 23.65
C GLN A 186 7.61 5.51 23.73
N SER A 187 7.62 4.78 22.64
CA SER A 187 7.09 3.43 22.59
C SER A 187 7.82 2.45 23.50
N ARG A 188 7.08 1.59 24.15
CA ARG A 188 7.59 0.55 25.03
C ARG A 188 7.61 -0.79 24.30
N VAL A 189 7.24 -0.79 23.00
CA VAL A 189 7.19 -2.06 22.29
C VAL A 189 8.58 -2.63 22.08
N LYS A 190 8.79 -3.86 22.55
CA LYS A 190 10.15 -4.45 22.41
C LYS A 190 10.12 -5.77 21.68
N THR A 191 8.90 -6.30 21.41
CA THR A 191 8.78 -7.57 20.70
C THR A 191 7.67 -7.53 19.64
N VAL A 192 7.99 -8.08 18.46
CA VAL A 192 6.98 -8.12 17.41
C VAL A 192 6.94 -9.52 16.80
N TRP A 193 5.73 -10.12 16.83
CA TRP A 193 5.56 -11.45 16.22
C TRP A 193 4.76 -11.27 14.91
N ILE A 194 5.16 -11.93 13.85
CA ILE A 194 4.47 -11.87 12.55
C ILE A 194 3.96 -13.29 12.31
N VAL A 195 2.65 -13.45 12.39
CA VAL A 195 1.96 -14.73 12.34
C VAL A 195 1.24 -15.12 11.06
N GLY A 196 1.55 -16.31 10.55
CA GLY A 196 0.90 -16.81 9.35
C GLY A 196 0.11 -18.10 9.62
N ARG A 197 -0.98 -18.25 8.88
CA ARG A 197 -1.85 -19.39 8.90
C ARG A 197 -1.14 -20.63 8.30
N ARG A 198 -0.28 -20.41 7.30
CA ARG A 198 0.39 -21.53 6.66
C ARG A 198 1.82 -21.65 7.14
N GLY A 199 2.74 -22.22 6.37
CA GLY A 199 4.11 -22.42 6.85
C GLY A 199 5.16 -21.59 6.14
N PRO A 200 6.42 -21.86 6.39
CA PRO A 200 7.51 -21.11 5.80
C PRO A 200 7.49 -21.05 4.30
N LEU A 201 7.10 -22.14 3.62
CA LEU A 201 7.09 -22.08 2.17
C LEU A 201 6.01 -21.20 1.58
N GLN A 202 5.05 -20.76 2.38
CA GLN A 202 3.95 -19.93 1.90
C GLN A 202 4.17 -18.46 2.23
N VAL A 203 5.30 -18.08 2.84
CA VAL A 203 5.45 -16.63 3.12
C VAL A 203 5.36 -15.81 1.83
N ALA A 204 4.87 -14.59 1.98
CA ALA A 204 4.69 -13.71 0.81
C ALA A 204 5.70 -12.58 0.76
N PHE A 205 6.56 -12.45 1.74
CA PHE A 205 7.52 -11.33 1.64
C PHE A 205 8.67 -11.68 0.69
N THR A 206 9.48 -10.67 0.36
CA THR A 206 10.62 -10.85 -0.55
C THR A 206 11.93 -10.62 0.16
N ILE A 207 13.05 -10.97 -0.48
CA ILE A 207 14.33 -10.98 0.21
C ILE A 207 14.88 -9.68 0.67
N LYS A 208 14.68 -8.56 -0.06
CA LYS A 208 15.25 -7.28 0.43
C LYS A 208 14.72 -6.95 1.80
N GLU A 209 13.38 -7.05 1.92
CA GLU A 209 12.72 -6.75 3.18
C GLU A 209 13.03 -7.72 4.28
N LEU A 210 13.13 -9.02 3.95
CA LEU A 210 13.46 -10.00 4.99
C LEU A 210 14.88 -9.75 5.51
N ARG A 211 15.82 -9.46 4.61
CA ARG A 211 17.19 -9.20 5.05
C ARG A 211 17.24 -7.96 5.92
N GLU A 212 16.53 -6.88 5.54
CA GLU A 212 16.53 -5.69 6.40
C GLU A 212 16.09 -5.98 7.81
N MET A 213 15.11 -6.93 7.93
CA MET A 213 14.63 -7.27 9.26
C MET A 213 15.71 -8.05 10.01
N ILE A 214 16.27 -9.06 9.35
CA ILE A 214 17.29 -9.87 10.03
C ILE A 214 18.44 -8.98 10.48
N GLN A 215 18.84 -8.01 9.64
CA GLN A 215 19.99 -7.17 10.01
C GLN A 215 19.67 -5.92 10.78
N LEU A 216 18.42 -5.70 11.19
CA LEU A 216 18.05 -4.46 11.89
C LEU A 216 18.78 -4.27 13.19
N PRO A 217 19.58 -3.22 13.31
CA PRO A 217 20.35 -2.92 14.52
C PRO A 217 19.48 -2.80 15.76
N GLY A 218 19.96 -3.37 16.87
CA GLY A 218 19.28 -3.35 18.16
C GLY A 218 18.29 -4.50 18.32
N THR A 219 18.15 -5.36 17.32
CA THR A 219 17.20 -6.48 17.39
C THR A 219 17.86 -7.83 17.19
N ARG A 220 17.18 -8.91 17.52
CA ARG A 220 17.58 -10.28 17.30
C ARG A 220 16.33 -11.02 16.72
N PRO A 221 16.56 -11.98 15.86
CA PRO A 221 15.48 -12.73 15.23
C PRO A 221 15.06 -13.94 16.06
N MET A 222 13.77 -14.27 16.05
CA MET A 222 13.29 -15.44 16.80
C MET A 222 12.57 -16.38 15.83
N LEU A 223 13.27 -17.39 15.37
CA LEU A 223 12.67 -18.38 14.46
C LEU A 223 12.77 -19.76 15.11
N ASP A 224 11.74 -20.58 15.02
CA ASP A 224 11.81 -21.93 15.63
C ASP A 224 12.26 -22.91 14.56
N PRO A 225 13.43 -23.53 14.73
CA PRO A 225 13.94 -24.51 13.79
C PRO A 225 12.97 -25.62 13.50
N ALA A 226 12.10 -25.94 14.46
CA ALA A 226 11.12 -26.99 14.19
C ALA A 226 10.19 -26.61 13.05
N ASP A 227 10.01 -25.29 12.83
CA ASP A 227 9.12 -24.91 11.72
C ASP A 227 9.77 -25.17 10.38
N PHE A 228 11.08 -25.41 10.35
CA PHE A 228 11.81 -25.57 9.11
C PHE A 228 12.33 -26.96 8.80
N LEU A 229 11.91 -27.97 9.60
CA LEU A 229 12.44 -29.30 9.36
C LEU A 229 12.01 -29.79 7.98
N GLY A 230 12.98 -30.27 7.21
CA GLY A 230 12.79 -30.78 5.88
C GLY A 230 12.63 -29.74 4.79
N LEU A 231 12.99 -28.48 5.06
CA LEU A 231 12.80 -27.45 4.05
C LEU A 231 13.76 -27.51 2.87
N GLN A 232 15.07 -27.56 3.06
CA GLN A 232 16.02 -27.61 1.94
C GLN A 232 15.57 -28.64 0.90
N ASP A 233 15.08 -29.78 1.39
CA ASP A 233 14.63 -30.83 0.49
C ASP A 233 13.47 -30.43 -0.39
N ARG A 234 12.49 -29.71 0.12
CA ARG A 234 11.35 -29.30 -0.70
C ARG A 234 11.62 -28.09 -1.57
N ILE A 235 12.73 -27.38 -1.36
CA ILE A 235 13.00 -26.21 -2.18
C ILE A 235 14.03 -26.47 -3.26
N LYS A 236 14.46 -27.72 -3.43
CA LYS A 236 15.47 -28.00 -4.46
C LYS A 236 14.97 -27.71 -5.86
N GLU A 237 13.66 -27.77 -6.11
CA GLU A 237 13.14 -27.50 -7.44
C GLU A 237 12.44 -26.16 -7.51
N ALA A 238 12.72 -25.28 -6.54
CA ALA A 238 12.09 -23.97 -6.53
C ALA A 238 12.80 -22.97 -7.45
N ALA A 239 12.07 -21.95 -7.89
CA ALA A 239 12.66 -20.90 -8.71
C ALA A 239 13.77 -20.21 -7.92
N ARG A 240 14.79 -19.72 -8.60
CA ARG A 240 15.95 -19.12 -7.98
C ARG A 240 15.69 -18.09 -6.91
N PRO A 241 14.88 -17.08 -7.18
CA PRO A 241 14.58 -16.04 -6.18
C PRO A 241 13.90 -16.67 -4.99
N ARG A 242 12.88 -17.50 -5.22
CA ARG A 242 12.21 -18.16 -4.11
C ARG A 242 13.16 -19.01 -3.27
N LYS A 243 13.98 -19.81 -3.94
CA LYS A 243 14.94 -20.68 -3.21
C LYS A 243 15.91 -19.88 -2.37
N ARG A 244 16.35 -18.72 -2.87
CA ARG A 244 17.30 -17.86 -2.16
C ARG A 244 16.67 -17.29 -0.87
N LEU A 245 15.41 -16.91 -1.04
CA LEU A 245 14.63 -16.41 0.11
C LEU A 245 14.49 -17.52 1.14
N MET A 246 14.04 -18.71 0.72
CA MET A 246 13.95 -19.79 1.69
C MET A 246 15.28 -20.16 2.31
N GLU A 247 16.40 -20.12 1.56
CA GLU A 247 17.69 -20.48 2.14
C GLU A 247 18.10 -19.45 3.19
N LEU A 248 17.70 -18.19 2.99
CA LEU A 248 18.10 -17.15 3.96
C LEU A 248 17.30 -17.37 5.25
N LEU A 249 16.01 -17.68 5.11
CA LEU A 249 15.21 -17.98 6.32
C LEU A 249 15.77 -19.18 7.06
N LEU A 250 16.07 -20.22 6.28
CA LEU A 250 16.58 -21.48 6.81
C LEU A 250 17.86 -21.29 7.59
N ARG A 251 18.83 -20.57 7.04
CA ARG A 251 20.09 -20.30 7.73
C ARG A 251 19.79 -19.55 9.05
N THR A 252 18.91 -18.55 8.90
CA THR A 252 18.63 -17.71 10.06
C THR A 252 18.02 -18.58 11.17
N ALA A 253 17.16 -19.50 10.84
CA ALA A 253 16.53 -20.37 11.84
C ALA A 253 17.41 -21.46 12.40
N THR A 254 18.35 -21.95 11.61
CA THR A 254 19.12 -23.11 12.03
C THR A 254 20.59 -22.93 12.28
N GLU A 255 21.29 -21.98 11.67
CA GLU A 255 22.72 -21.84 11.88
C GLU A 255 23.05 -21.18 13.19
N LYS A 256 24.00 -21.81 13.91
CA LYS A 256 24.37 -21.20 15.21
C LYS A 256 25.31 -20.05 14.92
N PRO A 257 25.03 -18.88 15.45
CA PRO A 257 25.85 -17.71 15.22
C PRO A 257 27.25 -17.76 15.77
N GLY A 258 28.15 -17.06 15.05
CA GLY A 258 29.54 -16.93 15.49
C GLY A 258 29.58 -16.08 16.76
N VAL A 259 30.71 -16.01 17.44
CA VAL A 259 30.88 -15.27 18.66
C VAL A 259 30.42 -13.82 18.65
N GLU A 260 30.76 -13.04 17.66
CA GLU A 260 30.37 -11.62 17.63
C GLU A 260 28.87 -11.48 17.44
N GLU A 261 28.29 -12.24 16.52
CA GLU A 261 26.85 -12.14 16.27
C GLU A 261 26.09 -12.67 17.49
N ALA A 262 26.61 -13.70 18.18
CA ALA A 262 25.87 -14.15 19.37
C ALA A 262 25.87 -13.06 20.42
N ALA A 263 26.99 -12.32 20.51
CA ALA A 263 27.09 -11.24 21.48
C ALA A 263 26.13 -10.10 21.10
N ARG A 264 26.12 -9.78 19.82
CA ARG A 264 25.22 -8.70 19.36
C ARG A 264 23.76 -9.05 19.69
N ARG A 265 23.38 -10.30 19.40
CA ARG A 265 22.01 -10.77 19.67
C ARG A 265 21.69 -10.72 21.15
N ALA A 266 22.70 -11.04 21.96
CA ALA A 266 22.46 -11.10 23.42
C ALA A 266 22.29 -9.74 24.03
N SER A 267 22.87 -8.69 23.42
CA SER A 267 22.78 -7.35 23.94
C SER A 267 21.64 -6.54 23.33
N ALA A 268 20.94 -7.14 22.37
CA ALA A 268 19.80 -6.48 21.73
C ALA A 268 18.64 -6.27 22.70
N SER A 269 18.06 -5.08 22.70
CA SER A 269 16.94 -4.76 23.58
C SER A 269 15.58 -5.06 22.93
N ARG A 270 15.56 -5.33 21.63
CA ARG A 270 14.34 -5.65 20.90
C ARG A 270 14.45 -6.95 20.13
N ALA A 271 13.31 -7.57 19.82
CA ALA A 271 13.33 -8.83 19.08
C ALA A 271 12.11 -8.99 18.18
N TRP A 272 12.26 -9.74 17.09
CA TRP A 272 11.08 -9.98 16.25
C TRP A 272 11.09 -11.46 15.89
N GLY A 273 9.90 -12.00 15.56
CA GLY A 273 9.90 -13.41 15.19
C GLY A 273 8.76 -13.75 14.23
N LEU A 274 8.88 -14.96 13.65
CA LEU A 274 7.84 -15.48 12.78
C LEU A 274 7.15 -16.66 13.46
N ARG A 275 5.84 -16.68 13.46
CA ARG A 275 5.06 -17.81 13.99
C ARG A 275 4.27 -18.40 12.82
N PHE A 276 4.20 -19.72 12.66
CA PHE A 276 3.51 -20.34 11.55
C PHE A 276 2.36 -21.26 12.00
N PHE A 277 1.50 -21.66 11.10
CA PHE A 277 0.40 -22.59 11.40
C PHE A 277 -0.52 -22.10 12.49
N ARG A 278 -0.91 -20.82 12.41
CA ARG A 278 -1.76 -20.23 13.41
C ARG A 278 -2.73 -19.26 12.71
N SER A 279 -4.03 -19.40 12.91
CA SER A 279 -4.99 -18.48 12.28
C SER A 279 -5.73 -17.74 13.38
N PRO A 280 -6.01 -16.47 13.17
CA PRO A 280 -6.64 -15.62 14.15
C PRO A 280 -8.09 -16.05 14.43
N GLN A 281 -8.36 -16.32 15.69
CA GLN A 281 -9.72 -16.71 16.11
C GLN A 281 -10.44 -15.61 16.88
N GLN A 282 -9.76 -14.93 17.79
CA GLN A 282 -10.43 -13.87 18.56
C GLN A 282 -9.47 -12.95 19.25
N VAL A 283 -9.76 -11.66 19.32
CA VAL A 283 -8.86 -10.75 20.06
C VAL A 283 -9.33 -10.79 21.51
N LEU A 284 -8.47 -10.99 22.50
CA LEU A 284 -8.84 -11.06 23.89
C LEU A 284 -8.73 -9.72 24.58
N PRO A 285 -9.75 -9.33 25.32
CA PRO A 285 -9.71 -8.05 26.02
C PRO A 285 -8.96 -8.08 27.33
N SER A 286 -8.66 -6.90 27.86
CA SER A 286 -8.09 -6.77 29.21
C SER A 286 -9.28 -7.04 30.17
N PRO A 287 -9.02 -7.23 31.44
CA PRO A 287 -10.07 -7.53 32.40
C PRO A 287 -11.22 -6.53 32.36
N ASP A 288 -10.94 -5.24 32.20
CA ASP A 288 -11.95 -4.19 32.16
C ASP A 288 -12.48 -3.87 30.77
N GLY A 289 -12.07 -4.62 29.74
CA GLY A 289 -12.58 -4.39 28.40
C GLY A 289 -12.08 -3.16 27.70
N ARG A 290 -11.19 -2.38 28.29
CA ARG A 290 -10.72 -1.15 27.67
C ARG A 290 -9.68 -1.32 26.55
N ARG A 291 -9.05 -2.46 26.40
CA ARG A 291 -8.08 -2.64 25.34
C ARG A 291 -7.82 -4.10 25.03
N ALA A 292 -7.08 -4.30 23.93
CA ALA A 292 -6.69 -5.64 23.52
C ALA A 292 -5.62 -6.11 24.50
N ALA A 293 -5.65 -7.38 24.94
CA ALA A 293 -4.60 -7.86 25.84
C ALA A 293 -3.96 -9.15 25.32
N GLY A 294 -4.55 -9.70 24.26
CA GLY A 294 -3.98 -10.93 23.69
C GLY A 294 -4.70 -11.33 22.41
N ILE A 295 -4.24 -12.38 21.76
CA ILE A 295 -4.89 -12.90 20.58
C ILE A 295 -4.96 -14.44 20.72
N ARG A 296 -6.15 -14.96 20.48
CA ARG A 296 -6.39 -16.39 20.53
C ARG A 296 -6.25 -16.91 19.10
N LEU A 297 -5.28 -17.82 18.88
CA LEU A 297 -5.02 -18.38 17.58
C LEU A 297 -5.43 -19.85 17.45
N ALA A 298 -6.00 -20.24 16.32
CA ALA A 298 -6.31 -21.65 16.12
C ALA A 298 -5.13 -22.40 15.52
N VAL A 299 -4.61 -23.43 16.18
CA VAL A 299 -3.55 -24.23 15.59
C VAL A 299 -4.02 -24.82 14.27
N THR A 300 -3.12 -24.78 13.27
CA THR A 300 -3.45 -25.35 11.97
C THR A 300 -2.43 -26.30 11.43
N ARG A 301 -2.82 -27.11 10.42
CA ARG A 301 -1.92 -28.04 9.75
C ARG A 301 -2.20 -27.92 8.25
N LEU A 302 -1.22 -28.26 7.40
CA LEU A 302 -1.47 -28.01 5.97
C LEU A 302 -1.98 -29.21 5.20
N GLU A 303 -2.89 -28.99 4.25
CA GLU A 303 -3.40 -30.04 3.38
C GLU A 303 -3.42 -29.55 1.92
N GLY A 304 -3.13 -30.45 0.99
CA GLY A 304 -3.12 -30.06 -0.44
C GLY A 304 -1.69 -30.07 -0.94
N ILE A 305 -1.47 -29.76 -2.21
CA ILE A 305 -0.11 -29.73 -2.76
C ILE A 305 0.16 -28.41 -3.48
N GLY A 306 1.37 -27.91 -3.44
CA GLY A 306 1.78 -26.69 -4.07
C GLY A 306 0.97 -25.47 -3.71
N GLU A 307 0.61 -24.68 -4.73
CA GLU A 307 -0.15 -23.46 -4.47
C GLU A 307 -1.55 -23.79 -4.00
N ALA A 308 -1.93 -25.07 -4.09
CA ALA A 308 -3.27 -25.45 -3.64
C ALA A 308 -3.26 -25.77 -2.14
N THR A 309 -2.12 -25.62 -1.49
CA THR A 309 -2.06 -25.95 -0.05
C THR A 309 -2.87 -24.97 0.78
N ARG A 310 -3.62 -25.51 1.76
CA ARG A 310 -4.42 -24.73 2.65
C ARG A 310 -4.21 -25.14 4.13
N ALA A 311 -4.46 -24.18 5.01
CA ALA A 311 -4.39 -24.48 6.44
C ALA A 311 -5.77 -24.99 6.92
N VAL A 312 -5.76 -26.08 7.67
CA VAL A 312 -7.00 -26.61 8.27
C VAL A 312 -6.75 -26.69 9.78
N PRO A 313 -7.76 -26.39 10.60
CA PRO A 313 -7.61 -26.41 12.04
C PRO A 313 -7.38 -27.76 12.67
N THR A 314 -6.56 -27.82 13.72
CA THR A 314 -6.32 -29.09 14.38
C THR A 314 -7.26 -29.25 15.58
N GLY A 315 -7.83 -28.16 16.05
CA GLY A 315 -8.69 -28.16 17.22
C GLY A 315 -8.02 -27.51 18.42
N ASP A 316 -6.69 -27.42 18.40
CA ASP A 316 -5.96 -26.80 19.50
C ASP A 316 -5.93 -25.28 19.32
N VAL A 317 -5.71 -24.57 20.41
CA VAL A 317 -5.63 -23.11 20.38
C VAL A 317 -4.45 -22.67 21.23
N GLU A 318 -3.95 -21.47 20.92
CA GLU A 318 -2.86 -20.85 21.62
C GLU A 318 -3.24 -19.39 21.88
N ASP A 319 -3.04 -18.91 23.09
CA ASP A 319 -3.27 -17.54 23.46
C ASP A 319 -1.89 -16.84 23.55
N LEU A 320 -1.77 -15.75 22.82
CA LEU A 320 -0.54 -14.99 22.76
C LEU A 320 -0.77 -13.54 23.20
N PRO A 321 -0.22 -13.24 24.37
CA PRO A 321 -0.34 -11.95 24.98
C PRO A 321 0.26 -10.83 24.13
N CYS A 322 -0.39 -9.70 24.04
CA CYS A 322 0.04 -8.55 23.26
C CYS A 322 -0.91 -7.36 23.50
N GLY A 323 -0.46 -6.14 23.21
CA GLY A 323 -1.21 -4.93 23.40
C GLY A 323 -1.53 -4.19 22.11
N LEU A 324 -1.01 -4.69 20.99
CA LEU A 324 -1.24 -4.08 19.67
C LEU A 324 -1.42 -5.23 18.69
N VAL A 325 -2.48 -5.21 17.90
CA VAL A 325 -2.76 -6.24 16.92
C VAL A 325 -2.96 -5.56 15.55
N LEU A 326 -2.10 -5.91 14.61
CA LEU A 326 -2.20 -5.31 13.28
C LEU A 326 -2.53 -6.36 12.23
N SER A 327 -3.62 -6.13 11.49
CA SER A 327 -3.98 -7.11 10.46
C SER A 327 -3.39 -6.64 9.12
N SER A 328 -2.55 -7.48 8.56
CA SER A 328 -1.93 -7.15 7.27
C SER A 328 -2.30 -8.27 6.31
N ILE A 329 -3.62 -8.31 6.01
CA ILE A 329 -4.15 -9.40 5.20
C ILE A 329 -4.74 -8.99 3.88
N GLY A 330 -4.30 -7.89 3.26
CA GLY A 330 -4.84 -7.57 1.94
C GLY A 330 -5.87 -6.47 1.84
N TYR A 331 -6.35 -6.29 0.58
CA TYR A 331 -7.24 -5.25 0.18
C TYR A 331 -8.25 -5.61 -0.88
N LYS A 332 -9.22 -4.71 -1.07
CA LYS A 332 -10.22 -4.85 -2.11
C LYS A 332 -10.48 -3.46 -2.67
N SER A 333 -10.91 -3.42 -3.93
CA SER A 333 -11.28 -2.12 -4.46
C SER A 333 -12.71 -1.91 -3.95
N ARG A 334 -13.13 -0.70 -3.99
CA ARG A 334 -14.46 -0.24 -3.55
C ARG A 334 -15.19 0.18 -4.82
N PRO A 335 -16.49 0.02 -4.87
CA PRO A 335 -17.23 0.49 -6.05
C PRO A 335 -17.07 2.01 -6.09
N ILE A 336 -17.12 2.60 -7.27
CA ILE A 336 -16.95 4.04 -7.43
C ILE A 336 -18.17 4.77 -7.93
N ASP A 337 -18.94 4.21 -8.84
CA ASP A 337 -20.09 4.95 -9.43
C ASP A 337 -21.04 3.98 -10.12
N PRO A 338 -22.33 4.28 -10.19
CA PRO A 338 -23.32 3.41 -10.79
C PRO A 338 -23.12 3.03 -12.22
N SER A 339 -22.43 3.82 -13.01
CA SER A 339 -22.15 3.53 -14.41
C SER A 339 -21.01 2.52 -14.55
N VAL A 340 -20.39 2.14 -13.42
CA VAL A 340 -19.24 1.24 -13.55
C VAL A 340 -19.55 -0.12 -12.93
N PRO A 341 -19.51 -1.18 -13.72
CA PRO A 341 -19.72 -2.52 -13.21
C PRO A 341 -18.73 -2.83 -12.10
N PHE A 342 -19.14 -3.71 -11.17
CA PHE A 342 -18.18 -4.01 -10.10
C PHE A 342 -18.37 -5.43 -9.58
N ASP A 343 -17.26 -6.15 -9.41
CA ASP A 343 -17.36 -7.53 -8.91
C ASP A 343 -16.97 -7.55 -7.44
N PRO A 344 -17.94 -7.68 -6.56
CA PRO A 344 -17.76 -7.68 -5.13
C PRO A 344 -16.91 -8.83 -4.61
N LYS A 345 -16.81 -9.88 -5.41
CA LYS A 345 -16.08 -11.07 -5.03
C LYS A 345 -14.57 -10.85 -5.09
N LEU A 346 -14.10 -10.45 -6.27
CA LEU A 346 -12.68 -10.19 -6.46
C LEU A 346 -12.34 -8.75 -6.09
N GLY A 347 -13.36 -7.91 -6.01
CA GLY A 347 -13.14 -6.50 -5.67
C GLY A 347 -12.30 -5.81 -6.73
N VAL A 348 -12.74 -5.93 -7.98
CA VAL A 348 -12.17 -5.33 -9.15
C VAL A 348 -13.30 -4.90 -10.11
N VAL A 349 -12.95 -4.02 -11.04
CA VAL A 349 -13.98 -3.69 -12.07
C VAL A 349 -13.81 -4.75 -13.14
N PRO A 350 -14.86 -5.51 -13.47
CA PRO A 350 -14.74 -6.57 -14.47
C PRO A 350 -14.18 -6.06 -15.77
N ASN A 351 -13.21 -6.76 -16.37
CA ASN A 351 -12.64 -6.23 -17.60
C ASN A 351 -11.90 -7.30 -18.44
N MET A 352 -11.76 -7.02 -19.71
CA MET A 352 -11.02 -7.93 -20.63
C MET A 352 -9.76 -7.18 -21.08
N GLU A 353 -8.65 -7.52 -20.46
CA GLU A 353 -7.37 -6.90 -20.77
C GLU A 353 -7.46 -5.38 -20.70
N GLY A 354 -8.20 -4.92 -19.69
CA GLY A 354 -8.28 -3.46 -19.50
C GLY A 354 -9.51 -2.82 -20.12
N ARG A 355 -10.25 -3.52 -20.99
CA ARG A 355 -11.48 -2.95 -21.54
C ARG A 355 -12.61 -3.29 -20.57
N VAL A 356 -13.31 -2.29 -20.00
CA VAL A 356 -14.35 -2.60 -19.01
C VAL A 356 -15.53 -3.32 -19.69
N VAL A 357 -15.96 -4.40 -19.08
CA VAL A 357 -17.03 -5.23 -19.66
C VAL A 357 -18.29 -4.46 -19.98
N ASP A 358 -18.65 -4.46 -21.27
CA ASP A 358 -19.86 -3.87 -21.76
C ASP A 358 -19.92 -2.35 -21.62
N VAL A 359 -18.77 -1.68 -21.57
CA VAL A 359 -18.77 -0.22 -21.47
C VAL A 359 -17.75 0.38 -22.42
N PRO A 360 -18.16 0.58 -23.69
CA PRO A 360 -17.29 1.15 -24.71
C PRO A 360 -16.63 2.44 -24.29
N GLY A 361 -15.32 2.61 -24.49
CA GLY A 361 -14.66 3.85 -24.08
C GLY A 361 -14.12 3.84 -22.65
N LEU A 362 -14.42 2.84 -21.87
CA LEU A 362 -14.03 2.77 -20.44
C LEU A 362 -12.99 1.67 -20.23
N TYR A 363 -11.90 2.04 -19.58
CA TYR A 363 -10.80 1.10 -19.38
C TYR A 363 -10.37 1.11 -17.92
N CYS A 364 -9.39 0.28 -17.58
CA CYS A 364 -8.87 0.32 -16.21
C CYS A 364 -7.40 -0.12 -16.19
N SER A 365 -6.69 0.32 -15.14
CA SER A 365 -5.30 -0.10 -15.00
C SER A 365 -4.94 -0.19 -13.52
N GLY A 366 -3.90 -0.97 -13.22
CA GLY A 366 -3.38 -1.07 -11.86
C GLY A 366 -4.15 -2.03 -10.97
N TRP A 367 -4.13 -1.77 -9.66
CA TRP A 367 -4.85 -2.66 -8.74
C TRP A 367 -6.32 -2.82 -9.01
N VAL A 368 -6.98 -1.79 -9.55
CA VAL A 368 -8.41 -1.93 -9.81
C VAL A 368 -8.65 -2.84 -11.01
N LYS A 369 -7.67 -3.05 -11.87
CA LYS A 369 -7.77 -3.90 -13.04
C LYS A 369 -7.48 -5.37 -12.75
N ARG A 370 -6.38 -5.62 -12.04
CA ARG A 370 -5.93 -6.97 -11.75
C ARG A 370 -6.10 -7.50 -10.35
N GLY A 371 -6.39 -6.67 -9.36
CA GLY A 371 -6.46 -7.10 -7.97
C GLY A 371 -5.22 -6.49 -7.26
N PRO A 372 -5.21 -6.46 -5.95
CA PRO A 372 -4.14 -5.85 -5.19
C PRO A 372 -2.85 -6.59 -5.01
N THR A 373 -2.29 -7.34 -5.94
CA THR A 373 -1.05 -8.05 -5.66
C THR A 373 0.26 -7.54 -6.19
N GLY A 374 0.37 -6.65 -7.16
CA GLY A 374 1.72 -6.30 -7.61
C GLY A 374 2.49 -5.17 -7.01
N VAL A 375 3.81 -5.17 -7.26
CA VAL A 375 4.70 -4.10 -6.80
C VAL A 375 4.58 -2.97 -7.80
N ILE A 376 5.30 -1.85 -7.60
CA ILE A 376 5.15 -0.76 -8.57
C ILE A 376 5.53 -1.17 -9.97
N THR A 377 6.64 -1.92 -10.14
CA THR A 377 7.02 -2.28 -11.51
C THR A 377 5.95 -3.12 -12.19
N THR A 378 5.22 -3.92 -11.44
CA THR A 378 4.17 -4.79 -11.99
C THR A 378 3.02 -3.89 -12.47
N THR A 379 2.71 -2.93 -11.62
CA THR A 379 1.68 -1.93 -11.99
C THR A 379 2.10 -1.16 -13.22
N MET A 380 3.35 -0.77 -13.38
CA MET A 380 3.82 -0.04 -14.55
C MET A 380 3.63 -0.85 -15.85
N THR A 381 4.18 -2.08 -15.89
CA THR A 381 4.06 -2.87 -17.11
C THR A 381 2.65 -3.24 -17.44
N ASP A 382 1.78 -3.42 -16.45
CA ASP A 382 0.36 -3.71 -16.68
C ASP A 382 -0.34 -2.47 -17.23
N SER A 383 0.05 -1.29 -16.73
CA SER A 383 -0.59 -0.07 -17.22
C SER A 383 -0.18 0.14 -18.68
N PHE A 384 1.03 -0.22 -19.05
CA PHE A 384 1.42 -0.09 -20.46
C PHE A 384 0.59 -0.99 -21.35
N LEU A 385 0.19 -2.16 -20.82
CA LEU A 385 -0.66 -3.07 -21.59
C LEU A 385 -1.99 -2.40 -21.87
N THR A 386 -2.59 -1.80 -20.84
CA THR A 386 -3.86 -1.06 -21.04
C THR A 386 -3.62 0.04 -22.04
N GLY A 387 -2.52 0.78 -21.89
CA GLY A 387 -2.26 1.91 -22.80
C GLY A 387 -2.18 1.42 -24.26
N GLN A 388 -1.63 0.25 -24.48
CA GLN A 388 -1.52 -0.24 -25.86
C GLN A 388 -2.90 -0.54 -26.45
N ILE A 389 -3.76 -1.19 -25.69
CA ILE A 389 -5.07 -1.54 -26.25
C ILE A 389 -5.86 -0.24 -26.48
N LEU A 390 -5.82 0.68 -25.51
CA LEU A 390 -6.55 1.95 -25.72
C LEU A 390 -6.12 2.67 -26.98
N LEU A 391 -4.83 2.85 -27.20
CA LEU A 391 -4.33 3.57 -28.35
C LEU A 391 -4.64 2.85 -29.65
N GLN A 392 -4.70 1.53 -29.59
CA GLN A 392 -5.07 0.78 -30.81
C GLN A 392 -6.55 1.00 -31.09
N ASP A 393 -7.36 1.05 -30.03
CA ASP A 393 -8.79 1.35 -30.20
C ASP A 393 -8.95 2.79 -30.72
N LEU A 394 -8.18 3.74 -30.25
CA LEU A 394 -8.19 5.14 -30.67
C LEU A 394 -7.78 5.27 -32.15
N LYS A 395 -6.66 4.65 -32.53
CA LYS A 395 -6.15 4.74 -33.90
C LYS A 395 -7.08 4.08 -34.89
N ALA A 396 -7.75 3.03 -34.44
CA ALA A 396 -8.62 2.29 -35.35
C ALA A 396 -9.99 2.89 -35.50
N GLY A 397 -10.28 3.96 -34.77
CA GLY A 397 -11.58 4.62 -34.87
C GLY A 397 -12.68 3.87 -34.15
N HIS A 398 -12.38 3.22 -33.03
CA HIS A 398 -13.40 2.51 -32.26
C HIS A 398 -14.05 3.42 -31.21
N LEU A 399 -13.39 4.53 -30.92
CA LEU A 399 -13.95 5.50 -29.95
C LEU A 399 -14.78 6.50 -30.74
N PRO A 400 -15.51 7.36 -30.07
CA PRO A 400 -16.32 8.37 -30.76
C PRO A 400 -15.43 9.21 -31.67
N SER A 401 -15.94 9.55 -32.86
CA SER A 401 -15.12 10.36 -33.77
C SER A 401 -15.47 11.83 -33.61
N GLY A 402 -14.51 12.70 -33.85
CA GLY A 402 -14.77 14.13 -33.69
C GLY A 402 -14.25 14.65 -32.35
N PRO A 403 -14.44 15.94 -32.10
CA PRO A 403 -13.99 16.69 -30.98
C PRO A 403 -13.88 16.29 -29.54
N ARG A 404 -14.90 16.11 -28.73
CA ARG A 404 -14.88 15.84 -27.30
C ARG A 404 -14.18 16.99 -26.58
N PRO A 405 -14.89 17.67 -25.68
CA PRO A 405 -14.38 18.83 -24.99
C PRO A 405 -13.37 18.62 -23.89
N GLY A 406 -13.30 17.44 -23.30
CA GLY A 406 -12.27 17.32 -22.23
C GLY A 406 -12.59 18.21 -21.05
N SER A 407 -11.55 18.77 -20.42
CA SER A 407 -11.70 19.58 -19.24
C SER A 407 -12.51 20.85 -19.44
N ALA A 408 -12.55 21.40 -20.66
CA ALA A 408 -13.35 22.63 -20.83
C ALA A 408 -14.78 22.39 -20.35
N PHE A 409 -15.29 21.21 -20.65
CA PHE A 409 -16.64 20.84 -20.25
C PHE A 409 -16.68 20.55 -18.76
N ILE A 410 -15.74 19.72 -18.28
CA ILE A 410 -15.74 19.30 -16.90
C ILE A 410 -15.57 20.45 -15.91
N LYS A 411 -14.63 21.33 -16.23
CA LYS A 411 -14.38 22.46 -15.31
C LYS A 411 -15.62 23.35 -15.19
N ALA A 412 -16.40 23.46 -16.25
CA ALA A 412 -17.60 24.30 -16.24
C ALA A 412 -18.65 23.70 -15.31
N LEU A 413 -18.55 22.40 -15.10
CA LEU A 413 -19.47 21.72 -14.20
C LEU A 413 -18.92 21.88 -12.79
N LEU A 414 -17.57 21.74 -12.71
CA LEU A 414 -16.96 21.82 -11.39
C LEU A 414 -17.04 23.28 -10.88
N ASP A 415 -16.89 24.21 -11.78
CA ASP A 415 -16.97 25.63 -11.46
C ASP A 415 -18.33 25.91 -10.81
N SER A 416 -19.41 25.43 -11.42
CA SER A 416 -20.76 25.64 -10.92
C SER A 416 -21.06 24.94 -9.60
N ARG A 417 -20.54 23.73 -9.40
CA ARG A 417 -20.73 22.96 -8.22
C ARG A 417 -19.90 23.46 -7.03
N GLY A 418 -19.02 24.43 -7.22
CA GLY A 418 -18.23 24.88 -6.05
C GLY A 418 -17.06 23.98 -5.69
N VAL A 419 -16.56 23.20 -6.64
CA VAL A 419 -15.41 22.33 -6.43
C VAL A 419 -14.18 23.02 -7.03
N TRP A 420 -13.16 23.30 -6.25
CA TRP A 420 -11.98 23.97 -6.84
C TRP A 420 -10.83 22.97 -6.84
N PRO A 421 -10.57 22.41 -8.01
CA PRO A 421 -9.51 21.38 -8.12
C PRO A 421 -8.11 21.95 -7.87
N VAL A 422 -7.25 21.07 -7.37
CA VAL A 422 -5.85 21.40 -7.08
C VAL A 422 -5.06 21.16 -8.35
N SER A 423 -4.45 22.17 -8.95
CA SER A 423 -3.67 21.90 -10.18
C SER A 423 -2.28 21.40 -9.83
N PHE A 424 -1.50 20.93 -10.82
CA PHE A 424 -0.14 20.51 -10.43
C PHE A 424 0.67 21.70 -9.93
N SER A 425 0.44 22.91 -10.50
CA SER A 425 1.26 24.04 -10.00
C SER A 425 0.87 24.36 -8.57
N ASP A 426 -0.40 24.14 -8.17
CA ASP A 426 -0.79 24.32 -6.77
C ASP A 426 0.01 23.31 -5.90
N TRP A 427 0.07 22.06 -6.35
CA TRP A 427 0.81 21.02 -5.60
C TRP A 427 2.28 21.41 -5.46
N GLU A 428 2.85 21.96 -6.54
CA GLU A 428 4.27 22.40 -6.47
C GLU A 428 4.49 23.37 -5.33
N LYS A 429 3.57 24.26 -5.04
CA LYS A 429 3.67 25.19 -3.92
C LYS A 429 3.72 24.45 -2.61
N LEU A 430 2.83 23.42 -2.43
CA LEU A 430 2.87 22.70 -1.14
C LEU A 430 4.14 21.84 -1.07
N ASP A 431 4.54 21.28 -2.21
CA ASP A 431 5.77 20.45 -2.23
C ASP A 431 6.97 21.29 -1.77
N ALA A 432 7.08 22.49 -2.33
CA ALA A 432 8.23 23.36 -1.95
C ALA A 432 8.20 23.67 -0.47
N GLU A 433 6.97 23.92 0.07
CA GLU A 433 6.81 24.18 1.49
C GLU A 433 7.16 22.96 2.32
N GLU A 434 6.70 21.75 1.91
CA GLU A 434 7.04 20.58 2.68
C GLU A 434 8.55 20.33 2.70
N VAL A 435 9.22 20.54 1.58
CA VAL A 435 10.64 20.32 1.43
C VAL A 435 11.42 21.34 2.25
N SER A 436 11.03 22.60 2.16
CA SER A 436 11.76 23.62 2.95
C SER A 436 11.63 23.34 4.44
N ARG A 437 10.45 23.00 4.92
CA ARG A 437 10.27 22.70 6.34
C ARG A 437 11.17 21.52 6.76
N GLY A 438 11.62 20.73 5.79
CA GLY A 438 12.44 19.57 6.10
C GLY A 438 13.91 19.95 6.31
N GLN A 439 14.29 21.07 5.71
CA GLN A 439 15.66 21.58 5.81
C GLN A 439 16.12 21.78 7.24
N ALA A 440 15.29 22.43 8.05
CA ALA A 440 15.73 22.72 9.44
C ALA A 440 16.01 21.45 10.20
N SER A 441 15.05 20.53 10.18
CA SER A 441 15.19 19.25 10.87
C SER A 441 16.08 18.24 10.23
N GLY A 442 16.51 18.32 8.98
CA GLY A 442 17.40 17.29 8.40
C GLY A 442 16.62 16.17 7.72
N LYS A 443 15.39 16.47 7.31
CA LYS A 443 14.56 15.45 6.64
C LYS A 443 14.32 15.79 5.21
N PRO A 444 13.88 14.88 4.35
CA PRO A 444 13.58 15.19 2.96
C PRO A 444 12.45 16.21 2.80
N ARG A 445 11.53 16.17 3.73
CA ARG A 445 10.38 17.07 3.83
C ARG A 445 9.71 16.80 5.17
N GLU A 446 8.81 17.68 5.58
CA GLU A 446 7.94 17.47 6.71
C GLU A 446 6.51 17.63 6.12
N LYS A 447 5.82 16.50 5.94
CA LYS A 447 4.52 16.53 5.36
C LYS A 447 3.49 17.34 6.17
N LEU A 448 2.65 18.07 5.43
CA LEU A 448 1.55 18.79 6.08
C LEU A 448 0.43 17.75 6.26
N LEU A 449 -0.18 17.64 7.40
CA LEU A 449 -1.22 16.62 7.63
C LEU A 449 -2.64 17.13 7.71
N ASP A 450 -2.80 18.35 8.19
CA ASP A 450 -4.11 18.99 8.37
C ASP A 450 -4.63 19.52 7.03
N PRO A 451 -5.73 18.99 6.53
CA PRO A 451 -6.27 19.42 5.25
C PRO A 451 -6.50 20.92 5.15
N GLN A 452 -6.92 21.56 6.23
CA GLN A 452 -7.16 23.01 6.17
C GLN A 452 -5.86 23.75 5.93
N GLU A 453 -4.82 23.34 6.66
CA GLU A 453 -3.52 24.00 6.49
C GLU A 453 -2.97 23.68 5.11
N MET A 454 -3.25 22.43 4.65
CA MET A 454 -2.78 22.06 3.32
C MET A 454 -3.43 22.93 2.27
N LEU A 455 -4.75 23.14 2.40
CA LEU A 455 -5.45 23.99 1.43
C LEU A 455 -4.86 25.39 1.41
N ARG A 456 -4.53 25.91 2.59
CA ARG A 456 -3.91 27.28 2.58
C ARG A 456 -2.61 27.28 1.82
N LEU A 457 -1.75 26.30 2.10
CA LEU A 457 -0.46 26.20 1.46
C LEU A 457 -0.52 25.83 -0.02
N LEU A 458 -1.63 25.33 -0.50
CA LEU A 458 -1.92 25.02 -1.89
C LEU A 458 -2.44 26.23 -2.62
N GLY A 459 -2.69 27.32 -1.86
CA GLY A 459 -3.17 28.56 -2.41
C GLY A 459 -4.68 28.63 -2.41
N HIS A 460 -5.32 27.69 -1.71
CA HIS A 460 -6.77 27.65 -1.62
C HIS A 460 -7.26 28.23 -0.28
PA FAD B . -2.74 3.52 -5.74
O1A FAD B . -3.54 3.24 -4.58
O2A FAD B . -1.39 3.76 -5.62
O5B FAD B . -3.37 4.83 -6.28
C5B FAD B . -4.82 4.95 -6.56
C4B FAD B . -5.03 6.51 -6.58
O4B FAD B . -6.43 6.74 -6.91
C3B FAD B . -4.81 7.23 -5.21
O3B FAD B . -3.97 8.38 -5.25
C2B FAD B . -6.22 7.36 -4.67
O2B FAD B . -6.30 8.45 -3.77
C1B FAD B . -6.94 7.74 -5.97
N9A FAD B . -8.37 7.56 -5.93
C8A FAD B . -9.10 6.66 -5.19
N7A FAD B . -10.42 6.85 -5.33
C5A FAD B . -10.56 7.91 -6.18
C6A FAD B . -11.74 8.58 -6.71
N6A FAD B . -12.98 8.18 -6.35
N1A FAD B . -11.53 9.63 -7.52
C2A FAD B . -10.26 10.04 -7.86
N3A FAD B . -9.11 9.44 -7.41
C4A FAD B . -9.30 8.39 -6.58
N1 FAD B . 5.32 -1.35 -4.03
C2 FAD B . 6.60 -1.35 -4.27
O2 FAD B . 7.12 -1.54 -5.32
N3 FAD B . 7.52 -1.17 -3.18
C4 FAD B . 7.10 -0.93 -1.93
O4 FAD B . 7.96 -0.78 -1.04
C4X FAD B . 5.71 -0.90 -1.65
N5 FAD B . 5.23 -0.70 -0.44
C5X FAD B . 3.89 -0.72 -0.26
C6 FAD B . 3.38 -0.52 1.01
C7 FAD B . 2.08 -0.56 1.28
C7M FAD B . 1.46 -0.34 2.64
C8 FAD B . 1.14 -0.81 0.18
C8M FAD B . -0.33 -0.85 0.47
C9 FAD B . 1.64 -1.00 -1.07
C9A FAD B . 2.97 -0.97 -1.33
N10 FAD B . 3.54 -1.17 -2.60
C10 FAD B . 4.82 -1.15 -2.80
C1' FAD B . 2.68 -1.56 -3.77
C2' FAD B . 2.33 -0.26 -4.59
O2' FAD B . 1.88 0.64 -3.58
C3' FAD B . 1.26 -0.62 -5.59
O3' FAD B . 1.93 -1.45 -6.60
C4' FAD B . 0.82 0.59 -6.40
O4' FAD B . 0.71 1.80 -5.61
C5' FAD B . -0.61 0.25 -6.98
O5' FAD B . -1.00 1.49 -7.83
P FAD B . -2.36 2.04 -8.16
O1P FAD B . -2.13 3.23 -9.06
O2P FAD B . -3.22 1.02 -8.69
O3P FAD B . -3.04 2.39 -6.86
PA NAP C . 0.08 -10.04 0.51
O1A NAP C . 1.43 -9.81 0.04
O2A NAP C . -0.80 -10.68 -0.47
O5B NAP C . -0.04 -10.95 1.88
C5B NAP C . -1.24 -10.88 2.70
C4B NAP C . -1.81 -12.13 3.20
O4B NAP C . -2.39 -12.28 4.48
C3B NAP C . -1.58 -13.50 2.61
O3B NAP C . -0.18 -13.86 2.86
C2B NAP C . -2.47 -14.43 3.47
O2B NAP C . -1.56 -15.40 3.77
C1B NAP C . -2.80 -13.61 4.70
N9A NAP C . -4.21 -13.77 5.06
C8A NAP C . -5.29 -13.47 4.33
N7A NAP C . -6.40 -13.52 4.98
C5A NAP C . -6.04 -13.90 6.27
C6A NAP C . -6.79 -14.11 7.43
N6A NAP C . -8.09 -13.96 7.49
N1A NAP C . -6.07 -14.42 8.49
C2A NAP C . -4.73 -14.57 8.46
N3A NAP C . -3.95 -14.41 7.43
C4A NAP C . -4.68 -14.07 6.35
O3 NAP C . -0.59 -8.66 1.12
PN NAP C . 0.04 -7.29 1.61
O1N NAP C . 1.06 -7.55 2.65
O2N NAP C . -1.09 -6.63 2.34
O5D NAP C . 0.57 -6.56 0.31
C5D NAP C . 0.10 -5.82 -0.82
C4D NAP C . 1.03 -5.73 -2.01
O4D NAP C . 2.00 -4.65 -1.93
C3D NAP C . 1.85 -7.03 -2.07
O3D NAP C . 1.71 -7.55 -3.33
C2D NAP C . 3.22 -6.63 -1.51
O2D NAP C . 4.23 -7.40 -2.11
C1D NAP C . 3.27 -5.17 -2.01
N1N NAP C . 4.41 -4.54 -1.43
C2N NAP C . 5.58 -4.73 -2.07
C3N NAP C . 6.78 -4.33 -1.57
C7N NAP C . 8.17 -4.48 -2.19
O7N NAP C . 8.30 -5.02 -3.29
N7N NAP C . 9.17 -3.98 -1.46
C4N NAP C . 6.82 -3.66 -0.29
C5N NAP C . 5.49 -3.51 0.30
C6N NAP C . 4.35 -3.92 -0.20
P2B NAP C . -2.07 -16.73 3.53
O1X NAP C . -2.87 -16.94 2.20
O2X NAP C . -1.21 -18.20 3.48
O3X NAP C . -2.76 -17.11 4.71
#